data_6QOA
#
_entry.id   6QOA
#
_cell.length_a   73.763
_cell.length_b   80.272
_cell.length_c   84.542
_cell.angle_alpha   90.000
_cell.angle_beta   90.000
_cell.angle_gamma   90.000
#
_symmetry.space_group_name_H-M   'P 21 21 21'
#
loop_
_entity.id
_entity.type
_entity.pdbx_description
1 polymer 'tRNA (guanine-N(1)-)-methyltransferase'
2 non-polymer 1,2-oxazole-5-carboxamide
3 water water
#
_entity_poly.entity_id   1
_entity_poly.type   'polypeptide(L)'
_entity_poly.pdbx_seq_one_letter_code
;GSMKIDVVTIFPEYLQPVRQSLPGKAIDAGLVDVAVHDLRRWTHDVHKSVDDSPYGGGPGMVMKPTVWGDALDEICTSET
LLVVPTPAGYPFTQETAWQWSTEDHLVIACGRYEGIDQRVADDAATRMRVREVSIGDYVLNGGEAAALVIIEAVLRLVPG
VLGNALSAQEDSHSEGMASLLEGPSYTRPPSWRGMDVPPVLLSGDHAKIAAWRAEQSRQRTIERRPDLLGFDSPTGEHGG
DGLS
;
_entity_poly.pdbx_strand_id   A,B
#
loop_
_chem_comp.id
_chem_comp.type
_chem_comp.name
_chem_comp.formula
JBN non-polymer 1,2-oxazole-5-carboxamide 'C4 H4 N2 O2'
#
# COMPACT_ATOMS: atom_id res chain seq x y z
N SER A 2 0.46 -22.22 11.31
CA SER A 2 1.49 -22.27 10.28
C SER A 2 0.93 -21.72 8.96
N MET A 3 0.82 -20.39 8.88
CA MET A 3 0.01 -19.72 7.88
C MET A 3 0.36 -20.03 6.42
N LYS A 4 -0.68 -20.27 5.62
CA LYS A 4 -0.52 -20.40 4.17
C LYS A 4 -1.13 -19.19 3.46
N ILE A 5 -0.36 -18.57 2.57
CA ILE A 5 -0.88 -17.48 1.76
C ILE A 5 -0.70 -17.81 0.29
N ASP A 6 -1.82 -17.90 -0.43
CA ASP A 6 -1.77 -18.06 -1.88
C ASP A 6 -2.13 -16.73 -2.52
N VAL A 7 -1.31 -16.28 -3.45
CA VAL A 7 -1.59 -15.05 -4.19
C VAL A 7 -1.84 -15.39 -5.64
N VAL A 8 -2.94 -14.87 -6.21
CA VAL A 8 -3.27 -15.12 -7.61
C VAL A 8 -3.21 -13.82 -8.39
N THR A 9 -2.45 -13.81 -9.49
CA THR A 9 -2.15 -12.57 -10.19
C THR A 9 -1.73 -12.85 -11.62
N ILE A 10 -1.93 -11.89 -12.51
CA ILE A 10 -1.32 -11.99 -13.84
C ILE A 10 0.08 -11.39 -13.85
N PHE A 11 0.54 -10.93 -12.68
CA PHE A 11 1.90 -10.40 -12.57
C PHE A 11 2.73 -11.15 -11.52
N PRO A 12 2.98 -12.43 -11.74
CA PRO A 12 3.66 -13.23 -10.72
C PRO A 12 5.09 -12.79 -10.42
N GLU A 13 5.82 -12.28 -11.42
CA GLU A 13 7.18 -11.80 -11.18
C GLU A 13 7.17 -10.66 -10.17
N TYR A 14 6.31 -9.67 -10.46
CA TYR A 14 6.15 -8.51 -9.60
C TYR A 14 5.89 -8.90 -8.15
N LEU A 15 5.17 -10.00 -7.95
CA LEU A 15 4.84 -10.42 -6.59
C LEU A 15 5.71 -11.54 -6.04
N GLN A 16 6.66 -12.03 -6.84
CA GLN A 16 7.59 -13.04 -6.36
C GLN A 16 8.27 -12.54 -5.10
N PRO A 17 8.24 -13.33 -4.02
CA PRO A 17 8.88 -12.87 -2.78
C PRO A 17 10.37 -12.64 -2.96
N VAL A 18 10.92 -11.75 -2.15
CA VAL A 18 12.34 -11.43 -2.20
C VAL A 18 12.97 -11.74 -0.84
N ARG A 19 14.08 -12.46 -0.85
CA ARG A 19 14.74 -12.91 0.39
C ARG A 19 15.04 -11.73 1.31
N GLN A 20 15.63 -10.68 0.73
CA GLN A 20 15.92 -9.47 1.47
C GLN A 20 14.68 -8.59 1.60
N SER A 21 13.81 -8.95 2.54
CA SER A 21 12.61 -8.17 2.86
C SER A 21 11.98 -8.80 4.08
N LEU A 22 11.02 -8.13 4.71
CA LEU A 22 10.34 -8.73 5.84
C LEU A 22 9.61 -10.03 5.46
N PRO A 23 8.80 -10.01 4.37
CA PRO A 23 8.18 -11.30 4.01
C PRO A 23 9.19 -12.40 3.71
N GLY A 24 10.29 -12.05 3.06
CA GLY A 24 11.35 -13.02 2.78
C GLY A 24 11.93 -13.65 4.03
N LYS A 25 12.13 -12.84 5.07
CA LYS A 25 12.69 -13.33 6.32
C LYS A 25 11.72 -14.32 6.99
N ALA A 26 10.45 -13.98 7.02
CA ALA A 26 9.43 -14.85 7.59
C ALA A 26 9.33 -16.15 6.82
N ILE A 27 9.42 -16.07 5.49
CA ILE A 27 9.40 -17.24 4.64
C ILE A 27 10.62 -18.12 4.96
N ASP A 28 11.77 -17.48 5.11
CA ASP A 28 13.02 -18.18 5.40
C ASP A 28 12.99 -18.82 6.78
N ALA A 29 12.22 -18.22 7.68
CA ALA A 29 12.12 -18.71 9.06
C ALA A 29 10.97 -19.69 9.25
N GLY A 30 10.34 -20.08 8.15
CA GLY A 30 9.28 -21.06 8.17
C GLY A 30 8.09 -20.71 9.04
N LEU A 31 7.75 -19.43 9.09
CA LEU A 31 6.61 -18.96 9.88
C LEU A 31 5.38 -18.74 8.99
N VAL A 32 5.61 -18.76 7.69
CA VAL A 32 4.55 -18.64 6.71
C VAL A 32 4.98 -19.29 5.41
N ASP A 33 4.04 -19.86 4.68
CA ASP A 33 4.32 -20.28 3.33
C ASP A 33 3.53 -19.43 2.34
N VAL A 34 4.23 -18.86 1.37
CA VAL A 34 3.62 -17.96 0.41
C VAL A 34 3.78 -18.49 -1.00
N ALA A 35 2.66 -18.74 -1.67
CA ALA A 35 2.70 -19.25 -3.04
C ALA A 35 2.08 -18.25 -4.02
N VAL A 36 2.81 -17.94 -5.08
CA VAL A 36 2.30 -17.04 -6.11
C VAL A 36 1.87 -17.84 -7.34
N HIS A 37 0.62 -17.67 -7.73
CA HIS A 37 0.05 -18.37 -8.87
C HIS A 37 -0.28 -17.41 -10.00
N ASP A 38 0.14 -17.78 -11.20
CA ASP A 38 -0.15 -17.03 -12.42
C ASP A 38 -1.59 -17.32 -12.84
N LEU A 39 -2.43 -16.28 -12.86
CA LEU A 39 -3.85 -16.46 -13.16
C LEU A 39 -4.04 -17.13 -14.52
N ARG A 40 -3.08 -16.96 -15.43
CA ARG A 40 -3.21 -17.48 -16.78
C ARG A 40 -3.20 -19.03 -16.84
N ARG A 41 -2.79 -19.67 -15.77
CA ARG A 41 -2.89 -21.14 -15.64
C ARG A 41 -4.32 -21.64 -15.86
N TRP A 42 -5.29 -20.78 -15.56
CA TRP A 42 -6.68 -21.20 -15.60
C TRP A 42 -7.44 -20.60 -16.77
N THR A 43 -6.73 -19.99 -17.72
CA THR A 43 -7.42 -19.47 -18.89
C THR A 43 -7.79 -20.60 -19.85
N HIS A 44 -8.76 -20.37 -20.71
CA HIS A 44 -9.33 -21.45 -21.52
C HIS A 44 -8.90 -21.39 -22.98
N ASP A 45 -8.39 -20.24 -23.41
CA ASP A 45 -8.07 -20.07 -24.83
C ASP A 45 -6.59 -19.91 -25.03
N VAL A 46 -6.18 -20.07 -26.28
CA VAL A 46 -4.78 -19.95 -26.60
C VAL A 46 -4.29 -18.53 -26.34
N HIS A 47 -5.19 -17.56 -26.46
CA HIS A 47 -4.82 -16.17 -26.20
C HIS A 47 -4.64 -15.90 -24.70
N LYS A 48 -4.97 -16.88 -23.87
CA LYS A 48 -4.85 -16.78 -22.42
C LYS A 48 -5.56 -15.52 -21.91
N SER A 49 -6.81 -15.37 -22.31
CA SER A 49 -7.65 -14.23 -21.97
C SER A 49 -8.09 -14.20 -20.50
N VAL A 50 -7.85 -13.07 -19.82
CA VAL A 50 -8.29 -12.93 -18.43
C VAL A 50 -9.32 -11.84 -18.20
N ASP A 51 -9.57 -10.99 -19.20
CA ASP A 51 -10.64 -10.02 -19.05
C ASP A 51 -11.39 -9.79 -20.35
N ASP A 52 -12.39 -8.93 -20.29
CA ASP A 52 -13.39 -8.85 -21.36
C ASP A 52 -14.14 -7.56 -21.14
N SER A 53 -14.85 -7.08 -22.15
CA SER A 53 -15.47 -5.76 -22.08
C SER A 53 -16.64 -5.75 -21.09
N PRO A 54 -16.84 -4.63 -20.39
CA PRO A 54 -17.89 -4.62 -19.36
C PRO A 54 -19.28 -4.57 -19.95
N TYR A 55 -20.19 -5.35 -19.40
CA TYR A 55 -21.59 -5.25 -19.76
C TYR A 55 -22.12 -3.87 -19.39
N GLY A 56 -22.92 -3.28 -20.26
CA GLY A 56 -23.46 -1.96 -19.98
C GLY A 56 -22.54 -0.89 -20.54
N GLY A 57 -21.38 -1.31 -21.02
CA GLY A 57 -20.46 -0.42 -21.68
C GLY A 57 -19.55 0.32 -20.73
N GLY A 58 -18.76 1.23 -21.28
CA GLY A 58 -17.82 2.00 -20.47
C GLY A 58 -16.39 1.60 -20.77
N PRO A 59 -15.44 2.38 -20.23
CA PRO A 59 -14.01 2.17 -20.44
C PRO A 59 -13.47 1.06 -19.55
N GLY A 60 -12.30 0.54 -19.92
CA GLY A 60 -11.65 -0.48 -19.14
C GLY A 60 -12.16 -1.87 -19.48
N MET A 61 -11.73 -2.84 -18.69
CA MET A 61 -12.09 -4.23 -18.88
C MET A 61 -12.50 -4.81 -17.52
N VAL A 62 -13.14 -5.97 -17.55
CA VAL A 62 -13.58 -6.64 -16.34
C VAL A 62 -13.02 -8.07 -16.40
N MET A 63 -12.50 -8.58 -15.29
CA MET A 63 -11.89 -9.91 -15.31
C MET A 63 -12.96 -11.00 -15.40
N LYS A 64 -12.67 -12.02 -16.22
CA LYS A 64 -13.62 -13.06 -16.58
C LYS A 64 -14.00 -13.93 -15.40
N PRO A 65 -15.31 -14.19 -15.21
CA PRO A 65 -15.66 -15.06 -14.08
C PRO A 65 -15.25 -16.53 -14.29
N THR A 66 -15.28 -17.04 -15.52
CA THR A 66 -14.96 -18.45 -15.74
C THR A 66 -13.52 -18.77 -15.36
N VAL A 67 -12.63 -17.82 -15.61
CA VAL A 67 -11.22 -18.02 -15.29
C VAL A 67 -10.99 -17.98 -13.79
N TRP A 68 -11.48 -16.92 -13.15
CA TRP A 68 -11.33 -16.77 -11.71
C TRP A 68 -12.06 -17.88 -10.96
N GLY A 69 -13.25 -18.25 -11.45
CA GLY A 69 -13.97 -19.35 -10.83
C GLY A 69 -13.16 -20.65 -10.77
N ASP A 70 -12.46 -20.96 -11.85
CA ASP A 70 -11.61 -22.14 -11.87
C ASP A 70 -10.43 -22.00 -10.93
N ALA A 71 -9.83 -20.81 -10.90
CA ALA A 71 -8.64 -20.62 -10.10
C ALA A 71 -8.98 -20.81 -8.63
N LEU A 72 -10.07 -20.18 -8.21
CA LEU A 72 -10.47 -20.24 -6.80
C LEU A 72 -10.97 -21.62 -6.39
N ASP A 73 -11.64 -22.32 -7.31
CA ASP A 73 -12.07 -23.69 -7.08
C ASP A 73 -10.87 -24.53 -6.70
N GLU A 74 -9.76 -24.31 -7.39
CA GLU A 74 -8.57 -25.14 -7.18
C GLU A 74 -7.83 -24.77 -5.90
N ILE A 75 -7.72 -23.47 -5.65
CA ILE A 75 -6.85 -22.99 -4.59
C ILE A 75 -7.55 -22.89 -3.23
N CYS A 76 -8.82 -22.52 -3.24
CA CYS A 76 -9.55 -22.30 -1.99
C CYS A 76 -10.14 -23.56 -1.39
N THR A 77 -10.26 -23.53 -0.08
CA THR A 77 -10.97 -24.56 0.67
C THR A 77 -12.02 -23.88 1.54
N SER A 78 -12.86 -24.68 2.18
CA SER A 78 -13.89 -24.14 3.05
C SER A 78 -13.29 -23.27 4.16
N GLU A 79 -12.03 -23.47 4.51
CA GLU A 79 -11.41 -22.71 5.62
C GLU A 79 -10.77 -21.40 5.14
N THR A 80 -10.69 -21.23 3.84
CA THR A 80 -10.02 -20.07 3.25
C THR A 80 -10.69 -18.73 3.59
N LEU A 81 -9.86 -17.73 3.88
CA LEU A 81 -10.34 -16.35 3.87
C LEU A 81 -9.88 -15.71 2.57
N LEU A 82 -10.84 -15.37 1.71
CA LEU A 82 -10.52 -14.85 0.39
C LEU A 82 -10.46 -13.34 0.43
N VAL A 83 -9.29 -12.80 0.15
CA VAL A 83 -9.05 -11.37 0.20
C VAL A 83 -9.05 -10.79 -1.20
N VAL A 84 -9.85 -9.76 -1.43
CA VAL A 84 -9.91 -9.14 -2.75
C VAL A 84 -9.61 -7.65 -2.64
N PRO A 85 -8.38 -7.25 -2.99
CA PRO A 85 -8.08 -5.81 -2.84
C PRO A 85 -8.71 -5.00 -3.96
N THR A 86 -9.38 -3.93 -3.58
CA THR A 86 -10.10 -3.10 -4.52
C THR A 86 -10.37 -1.75 -3.89
N PRO A 87 -10.28 -0.69 -4.70
CA PRO A 87 -10.58 0.65 -4.18
C PRO A 87 -12.04 0.80 -3.75
N ALA A 88 -12.88 -0.17 -4.12
CA ALA A 88 -14.28 -0.13 -3.68
C ALA A 88 -14.54 -0.94 -2.42
N GLY A 89 -13.47 -1.40 -1.77
CA GLY A 89 -13.63 -2.32 -0.67
C GLY A 89 -13.89 -1.65 0.67
N TYR A 90 -14.22 -2.47 1.67
CA TYR A 90 -14.21 -2.02 3.06
C TYR A 90 -12.78 -1.61 3.41
N PRO A 91 -12.62 -0.63 4.31
CA PRO A 91 -11.24 -0.22 4.65
C PRO A 91 -10.43 -1.34 5.29
N PHE A 92 -9.21 -1.55 4.83
CA PHE A 92 -8.27 -2.44 5.50
C PHE A 92 -7.56 -1.63 6.59
N THR A 93 -7.68 -2.03 7.85
CA THR A 93 -7.04 -1.28 8.94
C THR A 93 -6.16 -2.16 9.80
N GLN A 94 -5.51 -1.55 10.79
CA GLN A 94 -4.69 -2.31 11.75
C GLN A 94 -5.53 -3.41 12.41
N GLU A 95 -6.79 -3.10 12.72
CA GLU A 95 -7.67 -4.10 13.33
C GLU A 95 -7.86 -5.31 12.39
N THR A 96 -8.07 -5.05 11.11
CA THR A 96 -8.14 -6.12 10.10
C THR A 96 -6.87 -6.97 10.08
N ALA A 97 -5.72 -6.31 10.06
CA ALA A 97 -4.46 -7.03 10.00
C ALA A 97 -4.30 -7.95 11.22
N TRP A 98 -4.73 -7.48 12.39
CA TRP A 98 -4.69 -8.32 13.59
C TRP A 98 -5.59 -9.53 13.43
N GLN A 99 -6.81 -9.30 12.96
CA GLN A 99 -7.74 -10.41 12.75
C GLN A 99 -7.15 -11.46 11.82
N TRP A 100 -6.64 -11.01 10.67
CA TRP A 100 -6.16 -11.92 9.65
C TRP A 100 -4.85 -12.59 10.05
N SER A 101 -4.15 -12.05 11.05
CA SER A 101 -2.84 -12.59 11.42
C SER A 101 -2.96 -14.01 12.00
N THR A 102 -4.13 -14.38 12.47
CA THR A 102 -4.33 -15.69 13.06
C THR A 102 -5.07 -16.66 12.13
N GLU A 103 -5.24 -16.27 10.86
CA GLU A 103 -5.91 -17.14 9.90
C GLU A 103 -4.97 -18.25 9.44
N ASP A 104 -5.53 -19.42 9.15
CA ASP A 104 -4.76 -20.54 8.62
C ASP A 104 -4.43 -20.40 7.13
N HIS A 105 -5.39 -19.90 6.36
CA HIS A 105 -5.24 -19.82 4.91
C HIS A 105 -5.84 -18.53 4.38
N LEU A 106 -4.99 -17.67 3.84
CA LEU A 106 -5.43 -16.48 3.12
C LEU A 106 -5.20 -16.69 1.64
N VAL A 107 -6.22 -16.41 0.84
CA VAL A 107 -6.03 -16.36 -0.60
C VAL A 107 -6.29 -14.92 -1.06
N ILE A 108 -5.31 -14.31 -1.71
CA ILE A 108 -5.46 -12.95 -2.17
C ILE A 108 -5.63 -12.91 -3.69
N ALA A 109 -6.80 -12.48 -4.13
CA ALA A 109 -7.13 -12.39 -5.55
C ALA A 109 -6.79 -11.00 -6.08
N CYS A 110 -5.69 -10.89 -6.82
CA CYS A 110 -5.28 -9.59 -7.38
C CYS A 110 -5.91 -9.36 -8.75
N GLY A 111 -6.73 -8.32 -8.86
CA GLY A 111 -7.35 -7.99 -10.12
C GLY A 111 -7.15 -6.53 -10.50
N ARG A 112 -7.41 -6.20 -11.76
CA ARG A 112 -7.41 -4.81 -12.19
C ARG A 112 -8.52 -4.03 -11.47
N TYR A 113 -8.34 -2.72 -11.30
CA TYR A 113 -9.20 -1.97 -10.39
C TYR A 113 -10.63 -1.83 -10.91
N GLU A 114 -10.81 -1.92 -12.23
CA GLU A 114 -12.14 -1.88 -12.81
C GLU A 114 -12.96 -3.06 -12.30
N GLY A 115 -12.27 -4.13 -11.94
CA GLY A 115 -12.89 -5.17 -11.14
C GLY A 115 -12.87 -6.58 -11.71
N ILE A 116 -13.18 -7.51 -10.83
CA ILE A 116 -13.43 -8.89 -11.21
C ILE A 116 -14.93 -8.99 -11.29
N ASP A 117 -15.46 -9.65 -12.32
CA ASP A 117 -16.91 -9.91 -12.37
C ASP A 117 -17.47 -10.20 -10.97
N GLN A 118 -18.50 -9.47 -10.57
CA GLN A 118 -18.98 -9.55 -9.19
C GLN A 118 -19.44 -10.95 -8.78
N ARG A 119 -19.84 -11.75 -9.77
CA ARG A 119 -20.36 -13.09 -9.47
C ARG A 119 -19.29 -13.99 -8.87
N VAL A 120 -18.02 -13.70 -9.14
CA VAL A 120 -16.93 -14.50 -8.58
C VAL A 120 -16.98 -14.39 -7.06
N ALA A 121 -16.96 -13.17 -6.54
CA ALA A 121 -17.02 -12.95 -5.09
C ALA A 121 -18.33 -13.48 -4.53
N ASP A 122 -19.44 -13.23 -5.22
CA ASP A 122 -20.75 -13.62 -4.73
C ASP A 122 -20.83 -15.15 -4.61
N ASP A 123 -20.34 -15.83 -5.63
CA ASP A 123 -20.34 -17.29 -5.61
C ASP A 123 -19.41 -17.84 -4.54
N ALA A 124 -18.22 -17.27 -4.43
CA ALA A 124 -17.26 -17.76 -3.44
C ALA A 124 -17.82 -17.59 -2.02
N ALA A 125 -18.60 -16.53 -1.83
CA ALA A 125 -19.08 -16.22 -0.49
C ALA A 125 -20.11 -17.25 -0.01
N THR A 126 -20.63 -18.08 -0.91
CA THR A 126 -21.57 -19.13 -0.49
C THR A 126 -20.84 -20.37 0.05
N ARG A 127 -19.52 -20.43 -0.05
CA ARG A 127 -18.85 -21.57 0.61
CA ARG A 127 -18.75 -21.58 0.44
C ARG A 127 -17.55 -21.18 1.32
N MET A 128 -17.27 -19.88 1.40
CA MET A 128 -16.10 -19.43 2.17
C MET A 128 -16.29 -17.99 2.61
N ARG A 129 -15.38 -17.49 3.43
CA ARG A 129 -15.48 -16.09 3.86
C ARG A 129 -14.73 -15.19 2.87
N VAL A 130 -15.37 -14.11 2.45
CA VAL A 130 -14.80 -13.24 1.43
C VAL A 130 -14.73 -11.80 1.95
N ARG A 131 -13.60 -11.15 1.72
CA ARG A 131 -13.39 -9.79 2.20
C ARG A 131 -12.82 -8.94 1.08
N GLU A 132 -13.63 -8.03 0.55
CA GLU A 132 -13.16 -7.05 -0.43
C GLU A 132 -12.71 -5.81 0.33
N VAL A 133 -11.44 -5.44 0.20
CA VAL A 133 -10.89 -4.40 1.07
C VAL A 133 -10.07 -3.41 0.28
N SER A 134 -10.10 -2.15 0.71
CA SER A 134 -9.26 -1.09 0.14
CA SER A 134 -9.25 -1.11 0.12
C SER A 134 -8.15 -0.73 1.10
N ILE A 135 -6.93 -0.58 0.62
CA ILE A 135 -5.85 -0.18 1.53
C ILE A 135 -5.71 1.35 1.67
N GLY A 136 -6.55 2.11 0.98
CA GLY A 136 -6.47 3.56 1.03
C GLY A 136 -7.29 4.28 -0.04
N ASP A 137 -7.43 5.60 0.07
CA ASP A 137 -8.30 6.32 -0.86
C ASP A 137 -7.55 6.79 -2.09
N TYR A 138 -7.15 5.84 -2.92
CA TYR A 138 -6.46 6.15 -4.17
C TYR A 138 -6.65 4.94 -5.04
N VAL A 139 -6.42 5.10 -6.34
CA VAL A 139 -6.58 4.00 -7.28
C VAL A 139 -5.22 3.48 -7.75
N LEU A 140 -5.06 2.16 -7.73
CA LEU A 140 -3.91 1.52 -8.36
C LEU A 140 -4.43 0.82 -9.62
N ASN A 141 -3.57 0.57 -10.60
CA ASN A 141 -4.02 -0.18 -11.78
C ASN A 141 -4.57 -1.55 -11.44
N GLY A 142 -3.98 -2.19 -10.43
CA GLY A 142 -4.42 -3.51 -10.00
C GLY A 142 -4.14 -3.71 -8.53
N GLY A 143 -4.61 -4.83 -8.00
CA GLY A 143 -4.47 -5.17 -6.58
C GLY A 143 -3.09 -5.65 -6.15
N GLU A 144 -2.14 -5.74 -7.08
CA GLU A 144 -0.82 -6.29 -6.75
C GLU A 144 -0.09 -5.54 -5.63
N ALA A 145 0.06 -4.23 -5.76
CA ALA A 145 0.80 -3.49 -4.73
C ALA A 145 0.04 -3.55 -3.40
N ALA A 146 -1.29 -3.55 -3.47
CA ALA A 146 -2.10 -3.66 -2.24
C ALA A 146 -1.91 -5.01 -1.56
N ALA A 147 -1.77 -6.06 -2.36
CA ALA A 147 -1.44 -7.38 -1.84
C ALA A 147 -0.13 -7.38 -1.06
N LEU A 148 0.89 -6.73 -1.59
CA LEU A 148 2.16 -6.62 -0.85
C LEU A 148 1.94 -5.93 0.50
N VAL A 149 1.19 -4.84 0.51
CA VAL A 149 0.96 -4.08 1.74
C VAL A 149 0.21 -4.92 2.76
N ILE A 150 -0.85 -5.60 2.31
CA ILE A 150 -1.63 -6.46 3.19
C ILE A 150 -0.72 -7.57 3.77
N ILE A 151 0.12 -8.14 2.91
CA ILE A 151 1.00 -9.18 3.39
C ILE A 151 2.00 -8.64 4.42
N GLU A 152 2.60 -7.48 4.15
CA GLU A 152 3.49 -6.85 5.15
C GLU A 152 2.77 -6.54 6.48
N ALA A 153 1.55 -5.98 6.41
CA ALA A 153 0.84 -5.58 7.62
C ALA A 153 0.39 -6.79 8.45
N VAL A 154 0.00 -7.86 7.77
CA VAL A 154 -0.42 -9.05 8.47
C VAL A 154 0.80 -9.81 9.03
N LEU A 155 1.81 -10.03 8.20
CA LEU A 155 2.87 -10.97 8.60
C LEU A 155 3.69 -10.49 9.79
N ARG A 156 3.88 -9.18 9.90
CA ARG A 156 4.68 -8.65 11.00
C ARG A 156 3.96 -8.81 12.34
N LEU A 157 2.70 -9.25 12.30
CA LEU A 157 1.93 -9.49 13.53
C LEU A 157 1.90 -10.97 13.91
N VAL A 158 2.38 -11.81 13.01
CA VAL A 158 2.31 -13.25 13.25
C VAL A 158 3.30 -13.57 14.34
N PRO A 159 2.80 -14.17 15.44
CA PRO A 159 3.67 -14.57 16.54
C PRO A 159 4.82 -15.34 15.95
N GLY A 160 5.93 -14.65 15.79
CA GLY A 160 7.10 -15.21 15.15
C GLY A 160 7.99 -14.12 14.61
N SER A 179 -6.37 6.02 17.83
CA SER A 179 -5.54 6.51 18.91
C SER A 179 -4.98 7.90 18.58
N LEU A 180 -3.67 8.04 18.76
CA LEU A 180 -2.93 9.22 18.38
C LEU A 180 -1.73 8.78 17.55
N LEU A 181 -1.12 9.70 16.82
CA LEU A 181 0.07 9.38 16.05
C LEU A 181 1.30 9.31 16.95
N GLU A 182 2.27 8.47 16.57
CA GLU A 182 3.55 8.42 17.28
C GLU A 182 4.33 9.70 16.95
N GLY A 183 4.98 10.30 17.95
CA GLY A 183 5.69 11.56 17.73
C GLY A 183 7.09 11.34 17.16
N PRO A 184 7.91 12.40 17.13
CA PRO A 184 9.26 12.25 16.56
C PRO A 184 10.14 11.31 17.39
N SER A 185 11.10 10.68 16.72
CA SER A 185 12.10 9.86 17.39
CA SER A 185 12.10 9.90 17.43
C SER A 185 13.50 10.38 17.09
N TYR A 186 14.44 10.08 17.97
CA TYR A 186 15.80 10.57 17.85
C TYR A 186 16.81 9.52 18.29
N THR A 187 18.01 9.58 17.74
CA THR A 187 19.11 8.76 18.21
C THR A 187 20.42 9.55 18.08
N ARG A 188 21.56 8.90 18.33
CA ARG A 188 22.85 9.62 18.32
C ARG A 188 23.20 10.13 16.93
N PRO A 189 23.95 11.26 16.84
CA PRO A 189 24.53 12.07 17.92
C PRO A 189 23.55 13.09 18.53
N PRO A 190 23.83 13.58 19.76
CA PRO A 190 22.93 14.49 20.47
C PRO A 190 22.78 15.83 19.76
N SER A 191 23.81 16.24 19.01
CA SER A 191 23.72 17.44 18.17
CA SER A 191 23.75 17.45 18.18
C SER A 191 24.13 17.10 16.75
N TRP A 192 23.31 17.51 15.79
CA TRP A 192 23.54 17.20 14.38
C TRP A 192 23.01 18.33 13.48
N ARG A 193 23.91 18.87 12.66
CA ARG A 193 23.64 19.99 11.78
C ARG A 193 22.83 21.10 12.46
N GLY A 194 23.28 21.49 13.65
CA GLY A 194 22.67 22.58 14.38
C GLY A 194 21.41 22.23 15.16
N MET A 195 21.07 20.96 15.19
CA MET A 195 19.84 20.50 15.86
C MET A 195 20.13 19.53 16.99
N ASP A 196 19.60 19.86 18.17
CA ASP A 196 19.84 19.08 19.39
C ASP A 196 18.66 18.19 19.68
N VAL A 197 18.94 16.96 20.11
CA VAL A 197 17.89 16.09 20.63
C VAL A 197 17.24 16.82 21.79
N PRO A 198 15.91 16.81 21.85
CA PRO A 198 15.20 17.42 22.99
C PRO A 198 15.79 16.95 24.32
N PRO A 199 16.30 17.90 25.12
CA PRO A 199 17.03 17.58 26.35
C PRO A 199 16.23 16.69 27.30
N VAL A 200 14.91 16.79 27.29
CA VAL A 200 14.09 15.97 28.19
C VAL A 200 14.39 14.48 27.98
N LEU A 201 14.67 14.10 26.74
CA LEU A 201 14.90 12.70 26.41
C LEU A 201 16.15 12.17 27.08
N LEU A 202 17.07 13.06 27.44
CA LEU A 202 18.30 12.69 28.13
C LEU A 202 18.22 12.89 29.64
N SER A 203 17.03 13.24 30.14
CA SER A 203 16.91 13.68 31.54
C SER A 203 16.93 12.55 32.56
N GLY A 204 16.61 11.34 32.14
CA GLY A 204 16.45 10.24 33.07
C GLY A 204 15.20 10.37 33.93
N ASP A 205 14.29 11.28 33.56
CA ASP A 205 13.00 11.39 34.25
C ASP A 205 11.95 10.71 33.39
N HIS A 206 11.67 9.43 33.64
CA HIS A 206 10.95 8.68 32.63
C HIS A 206 9.45 8.98 32.64
N ALA A 207 8.91 9.38 33.78
CA ALA A 207 7.52 9.83 33.79
C ALA A 207 7.36 11.15 33.02
N LYS A 208 8.30 12.07 33.19
CA LYS A 208 8.27 13.31 32.41
C LYS A 208 8.43 13.06 30.92
N ILE A 209 9.30 12.11 30.56
CA ILE A 209 9.49 11.76 29.15
C ILE A 209 8.19 11.25 28.52
N ALA A 210 7.49 10.39 29.25
CA ALA A 210 6.22 9.85 28.78
C ALA A 210 5.21 10.96 28.53
N ALA A 211 5.16 11.94 29.44
CA ALA A 211 4.23 13.06 29.30
C ALA A 211 4.63 13.95 28.11
N TRP A 212 5.93 14.19 27.96
CA TRP A 212 6.42 14.95 26.82
C TRP A 212 6.06 14.26 25.49
N ARG A 213 6.22 12.95 25.45
CA ARG A 213 5.91 12.19 24.24
C ARG A 213 4.42 12.23 23.95
N ALA A 214 3.60 12.18 24.98
CA ALA A 214 2.15 12.30 24.79
C ALA A 214 1.73 13.63 24.17
N GLU A 215 2.36 14.71 24.62
CA GLU A 215 2.06 16.04 24.11
C GLU A 215 2.53 16.19 22.64
N GLN A 216 3.68 15.63 22.30
CA GLN A 216 4.26 15.60 20.96
C GLN A 216 3.31 14.79 20.06
N SER A 217 2.71 13.73 20.62
CA SER A 217 1.78 12.89 19.87
CA SER A 217 1.77 12.90 19.85
C SER A 217 0.49 13.66 19.56
N ARG A 218 -0.01 14.36 20.57
CA ARG A 218 -1.21 15.16 20.43
C ARG A 218 -1.02 16.27 19.38
N GLN A 219 0.10 16.97 19.48
CA GLN A 219 0.34 18.09 18.56
C GLN A 219 0.47 17.58 17.12
N ARG A 220 1.17 16.47 16.95
CA ARG A 220 1.33 15.90 15.62
C ARG A 220 -0.01 15.41 15.05
N THR A 221 -0.85 14.81 15.90
CA THR A 221 -2.14 14.31 15.47
C THR A 221 -3.05 15.47 15.07
N ILE A 222 -3.00 16.56 15.84
CA ILE A 222 -3.75 17.78 15.52
C ILE A 222 -3.34 18.28 14.14
N GLU A 223 -2.03 18.35 13.92
CA GLU A 223 -1.50 18.89 12.67
C GLU A 223 -1.72 17.98 11.44
N ARG A 224 -1.48 16.67 11.60
CA ARG A 224 -1.47 15.79 10.43
C ARG A 224 -2.74 14.98 10.21
N ARG A 225 -3.41 14.63 11.31
CA ARG A 225 -4.60 13.77 11.24
C ARG A 225 -5.69 14.25 12.18
N PRO A 226 -6.21 15.47 11.94
CA PRO A 226 -7.23 16.03 12.85
C PRO A 226 -8.46 15.11 12.99
N ASP A 227 -8.73 14.32 11.96
CA ASP A 227 -9.85 13.39 11.95
C ASP A 227 -9.81 12.40 13.11
N LEU A 228 -8.61 12.11 13.62
CA LEU A 228 -8.46 11.12 14.69
C LEU A 228 -8.86 11.68 16.06
N LEU A 229 -9.18 12.95 16.13
CA LEU A 229 -9.45 13.58 17.42
C LEU A 229 -10.94 13.77 17.68
N GLY A 230 -11.72 13.96 16.61
CA GLY A 230 -13.16 14.06 16.74
C GLY A 230 -13.62 15.31 17.47
N SER B 2 9.36 13.71 -19.01
CA SER B 2 10.02 12.69 -18.20
C SER B 2 10.01 13.02 -16.71
N MET B 3 9.92 11.98 -15.88
CA MET B 3 9.95 12.14 -14.44
C MET B 3 11.10 11.28 -13.89
N LYS B 4 11.77 11.76 -12.85
CA LYS B 4 12.78 10.94 -12.19
C LYS B 4 12.31 10.55 -10.78
N ILE B 5 12.35 9.24 -10.48
CA ILE B 5 12.06 8.78 -9.13
C ILE B 5 13.26 8.04 -8.54
N ASP B 6 13.81 8.59 -7.47
CA ASP B 6 14.85 7.88 -6.71
C ASP B 6 14.28 7.28 -5.44
N VAL B 7 14.58 6.02 -5.20
CA VAL B 7 14.12 5.35 -3.97
C VAL B 7 15.32 4.96 -3.13
N VAL B 8 15.30 5.28 -1.84
CA VAL B 8 16.44 4.98 -0.98
C VAL B 8 16.00 4.06 0.12
N THR B 9 16.69 2.93 0.25
CA THR B 9 16.24 1.83 1.10
C THR B 9 17.39 0.92 1.51
N ILE B 10 17.23 0.20 2.61
CA ILE B 10 18.19 -0.84 2.94
C ILE B 10 17.78 -2.17 2.32
N PHE B 11 16.64 -2.20 1.60
CA PHE B 11 16.22 -3.40 0.86
C PHE B 11 16.10 -3.14 -0.64
N PRO B 12 17.23 -2.90 -1.32
CA PRO B 12 17.19 -2.51 -2.73
C PRO B 12 16.56 -3.59 -3.62
N GLU B 13 16.77 -4.84 -3.28
CA GLU B 13 16.28 -5.94 -4.12
C GLU B 13 14.76 -5.94 -4.15
N TYR B 14 14.16 -5.64 -3.00
CA TYR B 14 12.71 -5.62 -2.88
C TYR B 14 12.07 -4.54 -3.77
N LEU B 15 12.82 -3.47 -4.01
CA LEU B 15 12.31 -2.30 -4.72
C LEU B 15 12.71 -2.25 -6.18
N GLN B 16 13.53 -3.20 -6.60
CA GLN B 16 13.98 -3.26 -7.98
C GLN B 16 12.79 -3.28 -8.93
N PRO B 17 12.76 -2.35 -9.88
CA PRO B 17 11.69 -2.25 -10.89
C PRO B 17 11.56 -3.56 -11.67
N VAL B 18 10.33 -3.92 -12.02
CA VAL B 18 10.06 -5.14 -12.78
C VAL B 18 9.33 -4.80 -14.08
N ARG B 19 9.85 -5.29 -15.21
CA ARG B 19 9.32 -4.92 -16.53
C ARG B 19 7.82 -5.18 -16.67
N GLN B 20 7.38 -6.39 -16.32
CA GLN B 20 5.96 -6.72 -16.34
C GLN B 20 5.22 -6.12 -15.14
N SER B 21 4.97 -4.82 -15.20
CA SER B 21 4.18 -4.09 -14.21
C SER B 21 3.83 -2.73 -14.80
N LEU B 22 2.94 -1.99 -14.15
CA LEU B 22 2.63 -0.63 -14.62
C LEU B 22 3.89 0.24 -14.62
N PRO B 23 4.64 0.30 -13.49
CA PRO B 23 5.87 1.11 -13.56
C PRO B 23 6.87 0.59 -14.58
N GLY B 24 6.96 -0.73 -14.73
CA GLY B 24 7.86 -1.32 -15.71
C GLY B 24 7.57 -0.85 -17.11
N LYS B 25 6.28 -0.82 -17.46
CA LYS B 25 5.85 -0.32 -18.76
C LYS B 25 6.18 1.17 -18.90
N ALA B 26 5.93 1.94 -17.83
CA ALA B 26 6.21 3.37 -17.83
C ALA B 26 7.68 3.64 -18.09
N ILE B 27 8.54 2.86 -17.42
CA ILE B 27 9.97 3.01 -17.60
C ILE B 27 10.34 2.67 -19.05
N ASP B 28 9.85 1.53 -19.53
CA ASP B 28 10.18 1.07 -20.87
C ASP B 28 9.67 2.05 -21.93
N ALA B 29 8.62 2.78 -21.60
CA ALA B 29 8.09 3.79 -22.50
C ALA B 29 8.84 5.11 -22.38
N GLY B 30 9.83 5.13 -21.50
CA GLY B 30 10.67 6.30 -21.31
C GLY B 30 9.97 7.46 -20.64
N LEU B 31 8.89 7.20 -19.93
CA LEU B 31 8.12 8.30 -19.34
C LEU B 31 8.63 8.61 -17.94
N VAL B 32 9.38 7.67 -17.38
CA VAL B 32 9.89 7.82 -16.03
C VAL B 32 11.19 7.04 -15.95
N ASP B 33 12.08 7.51 -15.10
CA ASP B 33 13.27 6.76 -14.79
C ASP B 33 13.28 6.49 -13.29
N VAL B 34 13.27 5.20 -12.91
CA VAL B 34 13.27 4.84 -11.50
C VAL B 34 14.61 4.24 -11.09
N ALA B 35 15.29 4.90 -10.17
CA ALA B 35 16.58 4.43 -9.66
C ALA B 35 16.46 4.03 -8.19
N VAL B 36 17.01 2.87 -7.85
CA VAL B 36 16.96 2.41 -6.48
C VAL B 36 18.36 2.44 -5.87
N HIS B 37 18.46 2.93 -4.65
CA HIS B 37 19.76 3.11 -3.99
C HIS B 37 19.82 2.44 -2.64
N ASP B 38 20.85 1.63 -2.44
CA ASP B 38 21.14 1.04 -1.14
C ASP B 38 21.65 2.11 -0.18
N LEU B 39 20.90 2.35 0.89
CA LEU B 39 21.31 3.33 1.91
C LEU B 39 22.71 3.03 2.47
N ARG B 40 23.08 1.75 2.53
CA ARG B 40 24.34 1.35 3.14
C ARG B 40 25.54 1.87 2.34
N ARG B 41 25.27 2.33 1.11
CA ARG B 41 26.28 2.96 0.28
C ARG B 41 26.88 4.22 0.94
N TRP B 42 26.14 4.83 1.87
CA TRP B 42 26.65 6.02 2.55
C TRP B 42 27.10 5.77 3.98
N THR B 43 27.38 4.52 4.33
CA THR B 43 27.96 4.22 5.64
C THR B 43 29.48 4.21 5.54
N HIS B 44 30.16 4.19 6.69
CA HIS B 44 31.61 4.23 6.73
C HIS B 44 32.24 3.11 7.57
N ASP B 45 31.48 2.62 8.54
CA ASP B 45 31.98 1.57 9.44
C ASP B 45 31.98 0.20 8.77
N VAL B 46 32.69 -0.74 9.38
CA VAL B 46 32.82 -2.07 8.82
C VAL B 46 31.49 -2.83 8.83
N HIS B 47 30.63 -2.52 9.80
CA HIS B 47 29.36 -3.22 9.94
C HIS B 47 28.21 -2.51 9.23
N LYS B 48 28.51 -1.38 8.59
CA LYS B 48 27.55 -0.66 7.75
C LYS B 48 26.25 -0.32 8.49
N SER B 49 26.37 0.24 9.69
CA SER B 49 25.21 0.43 10.56
C SER B 49 24.33 1.60 10.13
N VAL B 50 23.02 1.39 10.13
CA VAL B 50 22.11 2.45 9.75
C VAL B 50 21.14 2.84 10.88
N ASP B 51 21.19 2.13 11.99
CA ASP B 51 20.32 2.49 13.11
C ASP B 51 20.97 2.33 14.48
N ASP B 52 20.25 2.79 15.49
CA ASP B 52 20.79 2.94 16.83
C ASP B 52 19.59 3.00 17.75
N SER B 53 19.79 2.74 19.04
CA SER B 53 18.67 2.72 19.97
C SER B 53 18.14 4.13 20.20
N PRO B 54 16.85 4.25 20.52
CA PRO B 54 16.28 5.60 20.63
C PRO B 54 16.69 6.34 21.89
N TYR B 55 16.90 7.63 21.74
CA TYR B 55 17.01 8.50 22.88
C TYR B 55 15.69 8.53 23.63
N GLY B 56 15.75 8.41 24.95
CA GLY B 56 14.56 8.51 25.77
C GLY B 56 13.86 7.19 25.98
N GLY B 57 14.39 6.15 25.36
CA GLY B 57 13.87 4.81 25.56
C GLY B 57 12.78 4.48 24.56
N GLY B 58 12.33 3.22 24.59
CA GLY B 58 11.28 2.77 23.70
C GLY B 58 11.73 1.55 22.93
N PRO B 59 10.80 0.87 22.26
CA PRO B 59 11.15 -0.33 21.52
C PRO B 59 11.78 -0.01 20.17
N GLY B 60 12.52 -0.96 19.63
CA GLY B 60 13.03 -0.84 18.28
C GLY B 60 14.26 0.05 18.20
N MET B 61 14.55 0.48 16.98
CA MET B 61 15.72 1.27 16.68
C MET B 61 15.27 2.44 15.87
N VAL B 62 16.12 3.46 15.81
CA VAL B 62 15.85 4.64 15.03
C VAL B 62 16.96 4.77 14.01
N MET B 63 16.63 5.16 12.78
CA MET B 63 17.65 5.24 11.75
C MET B 63 18.52 6.47 11.98
N LYS B 64 19.84 6.28 11.83
CA LYS B 64 20.80 7.35 12.10
C LYS B 64 20.65 8.54 11.17
N PRO B 65 20.72 9.76 11.73
CA PRO B 65 20.62 10.96 10.88
C PRO B 65 21.82 11.14 9.96
N THR B 66 23.02 10.76 10.40
CA THR B 66 24.23 11.02 9.62
C THR B 66 24.18 10.34 8.25
N VAL B 67 23.87 9.05 8.26
CA VAL B 67 23.83 8.26 7.02
C VAL B 67 22.78 8.81 6.04
N TRP B 68 21.61 9.12 6.56
CA TRP B 68 20.54 9.65 5.72
C TRP B 68 20.91 11.03 5.21
N GLY B 69 21.48 11.84 6.10
CA GLY B 69 21.93 13.17 5.73
C GLY B 69 22.84 13.12 4.52
N ASP B 70 23.82 12.22 4.56
CA ASP B 70 24.75 12.08 3.45
C ASP B 70 24.06 11.59 2.18
N ALA B 71 23.13 10.66 2.32
CA ALA B 71 22.49 10.09 1.12
C ALA B 71 21.65 11.16 0.42
N LEU B 72 20.87 11.90 1.18
CA LEU B 72 19.97 12.90 0.60
C LEU B 72 20.72 14.12 0.09
N ASP B 73 21.88 14.40 0.68
CA ASP B 73 22.76 15.43 0.15
C ASP B 73 23.15 15.11 -1.29
N GLU B 74 23.53 13.86 -1.54
CA GLU B 74 23.99 13.45 -2.86
C GLU B 74 22.83 13.37 -3.86
N ILE B 75 21.65 12.99 -3.37
CA ILE B 75 20.56 12.61 -4.25
C ILE B 75 19.56 13.74 -4.50
N CYS B 76 19.30 14.57 -3.49
CA CYS B 76 18.31 15.64 -3.64
C CYS B 76 18.88 16.96 -4.12
N THR B 77 18.05 17.73 -4.81
CA THR B 77 18.30 19.14 -5.07
C THR B 77 17.17 19.95 -4.44
N SER B 78 17.24 21.28 -4.56
CA SER B 78 16.19 22.14 -4.03
C SER B 78 14.84 21.96 -4.76
N GLU B 79 14.87 21.32 -5.93
CA GLU B 79 13.64 21.10 -6.69
C GLU B 79 12.96 19.77 -6.33
N THR B 80 13.72 18.90 -5.66
CA THR B 80 13.24 17.59 -5.23
C THR B 80 12.02 17.68 -4.32
N LEU B 81 11.05 16.81 -4.57
CA LEU B 81 10.00 16.55 -3.61
C LEU B 81 10.37 15.29 -2.84
N LEU B 82 10.70 15.46 -1.57
CA LEU B 82 11.12 14.35 -0.72
C LEU B 82 9.92 13.73 -0.04
N VAL B 83 9.68 12.46 -0.39
CA VAL B 83 8.56 11.69 0.17
C VAL B 83 9.06 10.72 1.23
N VAL B 84 8.48 10.77 2.43
CA VAL B 84 8.89 9.87 3.49
C VAL B 84 7.68 9.09 4.02
N PRO B 85 7.51 7.84 3.59
CA PRO B 85 6.35 7.07 4.05
C PRO B 85 6.45 6.78 5.53
N THR B 86 5.36 6.96 6.28
CA THR B 86 5.32 6.70 7.71
C THR B 86 3.88 6.63 8.18
N PRO B 87 3.57 5.74 9.13
CA PRO B 87 2.20 5.69 9.66
C PRO B 87 1.82 6.99 10.39
N ALA B 88 2.80 7.83 10.70
CA ALA B 88 2.54 9.10 11.38
C ALA B 88 2.38 10.26 10.41
N GLY B 89 2.27 9.97 9.11
CA GLY B 89 2.35 11.02 8.10
C GLY B 89 1.00 11.65 7.77
N TYR B 90 1.02 12.76 7.03
CA TYR B 90 -0.20 13.26 6.41
C TYR B 90 -0.79 12.19 5.48
N PRO B 91 -2.11 12.13 5.34
CA PRO B 91 -2.65 11.08 4.45
C PRO B 91 -2.27 11.25 2.98
N PHE B 92 -1.82 10.17 2.37
CA PHE B 92 -1.60 10.12 0.93
C PHE B 92 -2.93 9.75 0.28
N THR B 93 -3.50 10.63 -0.54
CA THR B 93 -4.79 10.34 -1.16
C THR B 93 -4.73 10.47 -2.68
N GLN B 94 -5.87 10.25 -3.34
CA GLN B 94 -5.92 10.39 -4.79
C GLN B 94 -5.49 11.80 -5.22
N GLU B 95 -5.89 12.81 -4.45
CA GLU B 95 -5.49 14.18 -4.76
C GLU B 95 -3.97 14.32 -4.74
N THR B 96 -3.33 13.70 -3.75
CA THR B 96 -1.87 13.71 -3.65
C THR B 96 -1.23 13.07 -4.88
N ALA B 97 -1.79 11.96 -5.33
CA ALA B 97 -1.25 11.27 -6.50
C ALA B 97 -1.29 12.20 -7.73
N TRP B 98 -2.43 12.85 -7.95
CA TRP B 98 -2.57 13.77 -9.08
C TRP B 98 -1.51 14.89 -8.99
N GLN B 99 -1.33 15.40 -7.78
CA GLN B 99 -0.37 16.50 -7.59
C GLN B 99 1.05 16.01 -7.90
N TRP B 100 1.41 14.85 -7.37
CA TRP B 100 2.77 14.37 -7.54
C TRP B 100 3.03 13.87 -8.96
N SER B 101 1.97 13.62 -9.73
CA SER B 101 2.14 13.13 -11.10
C SER B 101 2.75 14.19 -12.03
N THR B 102 2.77 15.45 -11.58
CA THR B 102 3.35 16.53 -12.38
C THR B 102 4.76 16.93 -11.92
N GLU B 103 5.25 16.27 -10.87
CA GLU B 103 6.58 16.56 -10.33
C GLU B 103 7.72 16.05 -11.20
N ASP B 104 8.78 16.84 -11.29
CA ASP B 104 9.98 16.46 -12.05
C ASP B 104 10.82 15.41 -11.35
N HIS B 105 10.93 15.52 -10.04
CA HIS B 105 11.82 14.65 -9.27
C HIS B 105 11.23 14.26 -7.92
N LEU B 106 10.85 12.99 -7.77
CA LEU B 106 10.47 12.47 -6.46
C LEU B 106 11.60 11.66 -5.88
N VAL B 107 11.90 11.89 -4.60
CA VAL B 107 12.80 11.02 -3.89
C VAL B 107 12.07 10.39 -2.70
N ILE B 108 12.08 9.06 -2.64
CA ILE B 108 11.33 8.36 -1.61
C ILE B 108 12.27 7.72 -0.60
N ALA B 109 12.23 8.24 0.60
CA ALA B 109 13.10 7.75 1.67
C ALA B 109 12.39 6.67 2.45
N CYS B 110 12.83 5.42 2.26
CA CYS B 110 12.25 4.28 2.94
C CYS B 110 12.98 3.98 4.23
N GLY B 111 12.27 4.03 5.35
CA GLY B 111 12.88 3.78 6.64
C GLY B 111 11.96 2.95 7.48
N ARG B 112 12.49 2.31 8.52
CA ARG B 112 11.66 1.53 9.45
C ARG B 112 10.61 2.41 10.16
N TYR B 113 9.52 1.79 10.60
CA TYR B 113 8.39 2.56 11.09
C TYR B 113 8.66 3.30 12.40
N GLU B 114 9.64 2.86 13.19
CA GLU B 114 9.99 3.57 14.43
C GLU B 114 10.51 4.95 14.10
N GLY B 115 10.95 5.11 12.85
CA GLY B 115 11.29 6.40 12.34
C GLY B 115 12.73 6.52 11.90
N ILE B 116 12.91 7.44 10.98
CA ILE B 116 14.19 8.06 10.77
C ILE B 116 14.24 9.18 11.81
N ASP B 117 15.39 9.36 12.45
CA ASP B 117 15.63 10.51 13.33
C ASP B 117 15.00 11.78 12.73
N GLN B 118 14.13 12.44 13.48
CA GLN B 118 13.30 13.52 12.94
C GLN B 118 14.13 14.67 12.35
N ARG B 119 15.38 14.79 12.79
CA ARG B 119 16.21 15.87 12.32
C ARG B 119 16.50 15.77 10.82
N VAL B 120 16.43 14.56 10.28
CA VAL B 120 16.68 14.38 8.84
C VAL B 120 15.64 15.14 8.03
N ALA B 121 14.37 14.90 8.33
CA ALA B 121 13.27 15.56 7.64
C ALA B 121 13.30 17.07 7.87
N ASP B 122 13.55 17.48 9.12
CA ASP B 122 13.61 18.90 9.44
C ASP B 122 14.74 19.60 8.68
N ASP B 123 15.92 18.98 8.67
CA ASP B 123 17.05 19.48 7.90
C ASP B 123 16.72 19.61 6.42
N ALA B 124 16.17 18.54 5.86
CA ALA B 124 15.82 18.54 4.44
C ALA B 124 14.85 19.66 4.13
N ALA B 125 13.89 19.87 5.03
CA ALA B 125 12.86 20.90 4.84
C ALA B 125 13.44 22.30 4.68
N THR B 126 14.69 22.50 5.08
CA THR B 126 15.31 23.81 4.93
C THR B 126 15.79 24.06 3.51
N ARG B 127 15.77 23.06 2.65
CA ARG B 127 16.25 23.28 1.29
CA ARG B 127 16.25 23.27 1.28
C ARG B 127 15.39 22.62 0.22
N MET B 128 14.44 21.78 0.62
CA MET B 128 13.50 21.22 -0.35
C MET B 128 12.12 21.05 0.28
N ARG B 129 11.13 20.72 -0.56
CA ARG B 129 9.81 20.40 -0.05
C ARG B 129 9.81 18.97 0.48
N VAL B 130 9.27 18.77 1.68
CA VAL B 130 9.28 17.47 2.32
C VAL B 130 7.86 17.04 2.66
N ARG B 131 7.49 15.81 2.29
CA ARG B 131 6.16 15.31 2.58
C ARG B 131 6.22 13.98 3.29
N GLU B 132 5.93 13.98 4.58
CA GLU B 132 5.84 12.73 5.32
C GLU B 132 4.40 12.25 5.22
N VAL B 133 4.20 11.05 4.69
CA VAL B 133 2.84 10.63 4.35
C VAL B 133 2.53 9.19 4.73
N SER B 134 1.27 8.93 5.06
CA SER B 134 0.77 7.60 5.35
CA SER B 134 0.79 7.59 5.35
C SER B 134 -0.16 7.11 4.26
N ILE B 135 0.03 5.87 3.81
CA ILE B 135 -0.85 5.35 2.77
C ILE B 135 -2.09 4.70 3.35
N GLY B 136 -2.19 4.63 4.67
CA GLY B 136 -3.35 4.00 5.28
C GLY B 136 -3.18 3.76 6.76
N ASP B 137 -4.25 3.36 7.43
CA ASP B 137 -4.24 3.27 8.87
C ASP B 137 -3.84 1.86 9.35
N TYR B 138 -2.58 1.53 9.09
CA TYR B 138 -1.97 0.26 9.45
C TYR B 138 -0.48 0.47 9.52
N VAL B 139 0.21 -0.45 10.16
CA VAL B 139 1.63 -0.32 10.35
C VAL B 139 2.35 -1.35 9.48
N LEU B 140 3.35 -0.91 8.73
CA LEU B 140 4.28 -1.78 8.03
C LEU B 140 5.64 -1.70 8.73
N ASN B 141 6.50 -2.69 8.54
CA ASN B 141 7.80 -2.64 9.20
C ASN B 141 8.66 -1.50 8.68
N GLY B 142 8.51 -1.18 7.39
CA GLY B 142 9.23 -0.05 6.81
C GLY B 142 8.47 0.55 5.64
N GLY B 143 9.02 1.62 5.06
CA GLY B 143 8.34 2.33 4.00
C GLY B 143 8.36 1.70 2.61
N GLU B 144 9.04 0.56 2.47
CA GLU B 144 9.22 -0.06 1.15
C GLU B 144 7.95 -0.37 0.39
N ALA B 145 7.04 -1.11 1.00
CA ALA B 145 5.81 -1.48 0.32
C ALA B 145 4.97 -0.24 0.05
N ALA B 146 5.02 0.71 0.97
CA ALA B 146 4.29 1.96 0.77
C ALA B 146 4.87 2.74 -0.41
N ALA B 147 6.19 2.68 -0.58
CA ALA B 147 6.83 3.31 -1.74
C ALA B 147 6.30 2.71 -3.06
N LEU B 148 6.13 1.38 -3.10
CA LEU B 148 5.60 0.72 -4.29
C LEU B 148 4.19 1.18 -4.57
N VAL B 149 3.37 1.29 -3.53
CA VAL B 149 2.02 1.79 -3.68
C VAL B 149 2.01 3.24 -4.20
N ILE B 150 2.84 4.11 -3.62
CA ILE B 150 2.87 5.49 -4.08
C ILE B 150 3.32 5.59 -5.55
N ILE B 151 4.32 4.79 -5.92
CA ILE B 151 4.81 4.80 -7.31
C ILE B 151 3.70 4.35 -8.26
N GLU B 152 2.99 3.29 -7.89
CA GLU B 152 1.87 2.80 -8.70
C GLU B 152 0.78 3.85 -8.88
N ALA B 153 0.39 4.46 -7.78
CA ALA B 153 -0.71 5.43 -7.80
C ALA B 153 -0.36 6.68 -8.61
N VAL B 154 0.89 7.12 -8.51
CA VAL B 154 1.31 8.32 -9.22
C VAL B 154 1.55 8.04 -10.72
N LEU B 155 2.22 6.94 -11.04
CA LEU B 155 2.67 6.75 -12.43
C LEU B 155 1.52 6.51 -13.39
N ARG B 156 0.42 5.93 -12.91
CA ARG B 156 -0.70 5.68 -13.79
C ARG B 156 -1.37 6.98 -14.19
N LEU B 157 -1.00 8.07 -13.52
CA LEU B 157 -1.59 9.38 -13.80
C LEU B 157 -0.73 10.26 -14.70
N VAL B 158 0.51 9.86 -14.92
CA VAL B 158 1.43 10.68 -15.72
C VAL B 158 0.93 10.73 -17.17
N PRO B 159 0.87 11.93 -17.76
CA PRO B 159 0.40 12.01 -19.14
C PRO B 159 1.19 11.09 -20.05
N GLY B 160 0.50 10.37 -20.90
CA GLY B 160 1.17 9.42 -21.76
C GLY B 160 1.13 8.00 -21.23
N VAL B 161 0.68 7.83 -19.99
CA VAL B 161 0.53 6.49 -19.44
C VAL B 161 -0.89 5.95 -19.64
N SER B 179 -14.39 10.24 -4.04
CA SER B 179 -15.74 10.70 -4.39
C SER B 179 -16.77 9.73 -3.87
N LEU B 180 -17.04 8.70 -4.67
CA LEU B 180 -17.96 7.61 -4.35
C LEU B 180 -17.32 6.29 -4.76
N LEU B 181 -17.84 5.18 -4.25
CA LEU B 181 -17.28 3.87 -4.61
C LEU B 181 -17.91 3.35 -5.89
N GLU B 182 -17.10 2.72 -6.73
CA GLU B 182 -17.65 2.14 -7.95
C GLU B 182 -18.42 0.86 -7.59
N GLY B 183 -19.58 0.68 -8.20
CA GLY B 183 -20.39 -0.49 -7.92
C GLY B 183 -19.85 -1.71 -8.65
N PRO B 184 -20.60 -2.81 -8.61
CA PRO B 184 -20.19 -4.07 -9.25
C PRO B 184 -20.13 -3.97 -10.77
N SER B 185 -19.23 -4.74 -11.38
CA SER B 185 -19.14 -4.79 -12.83
C SER B 185 -19.20 -6.25 -13.29
N TYR B 186 -19.57 -6.46 -14.55
CA TYR B 186 -19.83 -7.80 -15.07
C TYR B 186 -19.30 -7.92 -16.49
N THR B 187 -19.04 -9.15 -16.90
CA THR B 187 -18.73 -9.41 -18.29
C THR B 187 -19.24 -10.81 -18.65
N ARG B 188 -18.93 -11.27 -19.86
CA ARG B 188 -19.52 -12.49 -20.39
C ARG B 188 -19.04 -13.74 -19.66
N PRO B 189 -19.89 -14.77 -19.58
CA PRO B 189 -21.24 -14.93 -20.14
C PRO B 189 -22.34 -14.29 -19.29
N PRO B 190 -23.53 -14.05 -19.89
CA PRO B 190 -24.63 -13.37 -19.19
C PRO B 190 -25.19 -14.20 -18.05
N SER B 191 -24.99 -15.52 -18.10
CA SER B 191 -25.36 -16.37 -16.99
CA SER B 191 -25.37 -16.40 -17.00
C SER B 191 -24.20 -17.30 -16.61
N TRP B 192 -23.93 -17.42 -15.31
CA TRP B 192 -22.82 -18.24 -14.88
C TRP B 192 -23.08 -18.87 -13.51
N ARG B 193 -22.97 -20.20 -13.45
CA ARG B 193 -23.26 -20.95 -12.23
C ARG B 193 -24.63 -20.59 -11.65
N GLY B 194 -25.59 -20.33 -12.52
CA GLY B 194 -26.92 -19.96 -12.08
C GLY B 194 -27.04 -18.52 -11.59
N MET B 195 -26.02 -17.70 -11.84
CA MET B 195 -26.05 -16.28 -11.48
C MET B 195 -26.09 -15.43 -12.74
N ASP B 196 -27.10 -14.58 -12.84
CA ASP B 196 -27.30 -13.77 -14.03
C ASP B 196 -26.81 -12.34 -13.87
N VAL B 197 -26.29 -11.79 -14.96
CA VAL B 197 -25.94 -10.38 -15.03
C VAL B 197 -27.23 -9.55 -14.94
N PRO B 198 -27.22 -8.46 -14.14
CA PRO B 198 -28.39 -7.58 -14.05
C PRO B 198 -28.92 -7.21 -15.42
N PRO B 199 -30.19 -7.53 -15.69
CA PRO B 199 -30.80 -7.34 -17.01
C PRO B 199 -30.62 -5.93 -17.58
N VAL B 200 -30.64 -4.90 -16.74
CA VAL B 200 -30.54 -3.55 -17.25
C VAL B 200 -29.22 -3.38 -18.01
N LEU B 201 -28.17 -4.07 -17.55
CA LEU B 201 -26.85 -3.99 -18.17
C LEU B 201 -26.85 -4.61 -19.57
N LEU B 202 -27.76 -5.54 -19.79
CA LEU B 202 -27.90 -6.17 -21.10
C LEU B 202 -28.82 -5.39 -22.02
N SER B 203 -29.57 -4.44 -21.46
CA SER B 203 -30.68 -3.78 -22.16
C SER B 203 -30.30 -2.75 -23.22
N GLY B 204 -29.05 -2.30 -23.23
CA GLY B 204 -28.64 -1.26 -24.18
C GLY B 204 -29.18 0.13 -23.90
N ASP B 205 -29.92 0.29 -22.81
CA ASP B 205 -30.52 1.58 -22.47
C ASP B 205 -29.57 2.42 -21.62
N HIS B 206 -28.78 3.26 -22.28
CA HIS B 206 -27.70 4.01 -21.64
C HIS B 206 -28.15 4.79 -20.42
N ALA B 207 -29.35 5.37 -20.49
CA ALA B 207 -29.85 6.20 -19.41
C ALA B 207 -30.22 5.37 -18.19
N LYS B 208 -30.89 4.24 -18.42
CA LYS B 208 -31.28 3.36 -17.33
C LYS B 208 -30.04 2.70 -16.68
N ILE B 209 -29.03 2.42 -17.50
CA ILE B 209 -27.78 1.83 -17.06
C ILE B 209 -26.98 2.82 -16.21
N ALA B 210 -26.91 4.07 -16.67
CA ALA B 210 -26.24 5.12 -15.90
C ALA B 210 -26.93 5.29 -14.56
N ALA B 211 -28.27 5.27 -14.59
CA ALA B 211 -29.05 5.40 -13.37
C ALA B 211 -28.79 4.23 -12.42
N TRP B 212 -28.79 3.03 -12.97
CA TRP B 212 -28.57 1.83 -12.17
C TRP B 212 -27.20 1.83 -11.50
N ARG B 213 -26.18 2.19 -12.26
CA ARG B 213 -24.82 2.22 -11.74
C ARG B 213 -24.62 3.32 -10.71
N ALA B 214 -25.29 4.45 -10.90
CA ALA B 214 -25.22 5.53 -9.93
C ALA B 214 -25.83 5.06 -8.62
N GLU B 215 -26.97 4.39 -8.71
CA GLU B 215 -27.62 3.83 -7.54
C GLU B 215 -26.73 2.79 -6.85
N GLN B 216 -26.26 1.80 -7.60
CA GLN B 216 -25.37 0.77 -7.03
C GLN B 216 -24.18 1.41 -6.32
N SER B 217 -23.58 2.41 -6.96
CA SER B 217 -22.44 3.13 -6.40
CA SER B 217 -22.43 3.09 -6.39
C SER B 217 -22.79 3.71 -5.04
N ARG B 218 -23.90 4.41 -4.98
CA ARG B 218 -24.31 5.06 -3.74
C ARG B 218 -24.66 4.03 -2.67
N GLN B 219 -25.27 2.93 -3.07
CA GLN B 219 -25.62 1.85 -2.15
C GLN B 219 -24.39 1.12 -1.57
N ARG B 220 -23.39 0.91 -2.42
CA ARG B 220 -22.14 0.31 -1.97
C ARG B 220 -21.37 1.28 -1.05
N THR B 221 -21.42 2.56 -1.39
CA THR B 221 -20.69 3.55 -0.62
C THR B 221 -21.26 3.68 0.77
N ILE B 222 -22.58 3.72 0.88
CA ILE B 222 -23.19 3.87 2.20
C ILE B 222 -22.90 2.64 3.06
N GLU B 223 -22.82 1.46 2.45
CA GLU B 223 -22.56 0.24 3.19
C GLU B 223 -21.08 0.05 3.56
N ARG B 224 -20.17 0.38 2.64
CA ARG B 224 -18.75 0.12 2.87
C ARG B 224 -17.96 1.33 3.35
N ARG B 225 -18.37 2.52 2.93
CA ARG B 225 -17.64 3.75 3.28
C ARG B 225 -18.58 4.90 3.59
N PRO B 226 -19.37 4.79 4.67
CA PRO B 226 -20.38 5.82 4.95
C PRO B 226 -19.74 7.19 5.19
N ASP B 227 -18.48 7.19 5.62
CA ASP B 227 -17.75 8.43 5.85
C ASP B 227 -17.69 9.28 4.59
N LEU B 228 -17.60 8.64 3.43
CA LEU B 228 -17.46 9.38 2.19
C LEU B 228 -18.70 10.19 1.91
N LEU B 229 -19.83 9.83 2.53
CA LEU B 229 -21.09 10.53 2.28
C LEU B 229 -21.45 11.36 3.50
N GLY B 230 -20.47 11.54 4.39
CA GLY B 230 -20.65 12.38 5.56
C GLY B 230 -21.43 11.74 6.69
N PHE B 231 -21.33 10.42 6.83
CA PHE B 231 -22.01 9.72 7.91
C PHE B 231 -21.01 9.10 8.88
N ASP B 232 -21.49 8.70 10.05
CA ASP B 232 -20.66 8.09 11.09
C ASP B 232 -20.05 6.74 10.69
N SER B 233 -19.05 6.31 11.47
CA SER B 233 -18.31 5.05 11.24
C SER B 233 -17.53 5.11 9.94
O01 JBN C . -6.87 -0.77 -2.16
C02 JBN C . -6.93 0.03 -3.07
N03 JBN C . -7.17 1.41 -2.82
C04 JBN C . -6.77 -0.45 -4.49
O05 JBN C . -6.69 0.36 -5.57
N06 JBN C . -6.56 -0.46 -6.68
C07 JBN C . -6.56 -1.76 -6.29
C08 JBN C . -6.70 -1.78 -4.90
O01 JBN D . 2.03 4.49 5.30
C02 JBN D . 2.07 3.74 6.25
N03 JBN D . 0.90 3.42 6.97
C04 JBN D . 3.39 3.11 6.65
O05 JBN D . 3.56 2.17 7.61
N06 JBN D . 4.91 1.88 7.67
C07 JBN D . 5.57 2.61 6.78
C08 JBN D . 4.64 3.40 6.11
#